data_7AAR
#
_entry.id   7AAR
#
_cell.length_a   83.917
_cell.length_b   99.005
_cell.length_c   184.515
_cell.angle_alpha   90.000
_cell.angle_beta   90.000
_cell.angle_gamma   90.000
#
_symmetry.space_group_name_H-M   'C 2 2 21'
#
loop_
_entity.id
_entity.type
_entity.pdbx_description
1 polymer 'Sugar transport protein 10'
2 non-polymer 'Octyl Glucose Neopentyl Glycol'
3 non-polymer beta-D-glucopyranose
4 non-polymer 'CHLORIDE ION'
5 water water
#
_entity_poly.entity_id   1
_entity_poly.type   'polypeptide(L)'
_entity_poly.pdbx_seq_one_letter_code
;MAGGAFVSEGGGGGRSYEGGVTAFVIMTCIVAAMGGLLFGYDLGISGGVTSMEEFLTKFFPQVESQMKKAKHDTAYCKFD
NQMLQLFTSSLYLAALVASFMASVITRKHGRKVSMFIGGLAFLIGALFNAFAVNVSMLIIGRLLLGVGVGFANQSTPVYL
SQMAPAKIRGALNIGFQMAITIGILVANLINYGTSKMAQHGWRVSLGLAAVPAVVMVIGSFILPDTPNSMLERGKNEEAK
QMLKKIRGADNVDHEFQDLIDAVEAAKKVENPWKNIMESKYRPALIFCSAIPFFQQITGINVIMFYAPVLFKTLGFGDDA
ALMSAVITGVVNMLSTFVSIYAVNRYGRRLLFLEGGIQMFICQLLVGSFIGARFGTSGTGTLTPATADWILAFICVYVAG
FAWSWGPLGWLVPSEICPLEIRPAGQAINVSVNMFFTFLIGQFFLTMLCHMKFGLFYFFASMVAIMTVFIYFLLPETKGV
PIEEMGRVWKQHWFWKKYIPEDAIIGGHDDNNTN
;
_entity_poly.pdbx_strand_id   A
#
# COMPACT_ATOMS: atom_id res chain seq x y z
N SER A 16 2.60 -25.19 20.47
CA SER A 16 2.67 -25.61 21.86
C SER A 16 2.37 -24.45 22.82
N TYR A 17 2.08 -23.28 22.25
CA TYR A 17 1.54 -22.18 23.05
C TYR A 17 0.09 -22.49 23.39
N GLU A 18 -0.25 -22.44 24.68
CA GLU A 18 -1.64 -22.62 25.08
C GLU A 18 -2.37 -21.29 25.11
N GLY A 19 -3.65 -21.32 24.75
CA GLY A 19 -4.47 -20.10 24.75
C GLY A 19 -5.14 -19.90 23.40
N GLY A 20 -6.44 -19.71 23.44
CA GLY A 20 -7.22 -19.58 22.22
C GLY A 20 -7.76 -18.19 21.96
N VAL A 21 -8.94 -18.12 21.37
CA VAL A 21 -9.56 -16.86 20.97
C VAL A 21 -10.30 -16.27 22.16
N THR A 22 -10.02 -15.00 22.46
CA THR A 22 -10.69 -14.28 23.53
C THR A 22 -11.36 -13.02 22.97
N ALA A 23 -12.09 -12.33 23.84
CA ALA A 23 -12.69 -11.06 23.44
C ALA A 23 -11.63 -10.03 23.10
N PHE A 24 -10.44 -10.15 23.72
CA PHE A 24 -9.34 -9.24 23.40
C PHE A 24 -8.95 -9.34 21.93
N VAL A 25 -8.84 -10.56 21.41
CA VAL A 25 -8.43 -10.69 20.01
C VAL A 25 -9.58 -10.30 19.09
N ILE A 26 -10.83 -10.47 19.52
CA ILE A 26 -11.95 -9.95 18.73
C ILE A 26 -11.85 -8.44 18.62
N MET A 27 -11.58 -7.76 19.73
CA MET A 27 -11.43 -6.31 19.71
C MET A 27 -10.28 -5.88 18.81
N THR A 28 -9.12 -6.48 19.00
CA THR A 28 -7.97 -6.16 18.15
C THR A 28 -8.29 -6.40 16.68
N CYS A 29 -9.11 -7.41 16.39
CA CYS A 29 -9.42 -7.70 15.00
C CYS A 29 -10.39 -6.69 14.42
N ILE A 30 -11.35 -6.22 15.23
CA ILE A 30 -12.20 -5.11 14.77
C ILE A 30 -11.32 -3.92 14.41
N VAL A 31 -10.38 -3.57 15.30
CA VAL A 31 -9.56 -2.39 15.07
C VAL A 31 -8.65 -2.59 13.87
N ALA A 32 -8.06 -3.78 13.72
CA ALA A 32 -7.18 -4.04 12.60
C ALA A 32 -7.93 -4.05 11.27
N ALA A 33 -9.14 -4.61 11.26
CA ALA A 33 -9.97 -4.57 10.06
C ALA A 33 -10.31 -3.14 9.70
N MET A 34 -10.67 -2.32 10.68
CA MET A 34 -10.93 -0.91 10.40
C MET A 34 -9.71 -0.23 9.80
N GLY A 35 -8.52 -0.52 10.35
CA GLY A 35 -7.32 0.12 9.82
C GLY A 35 -6.99 -0.29 8.40
N GLY A 36 -7.07 -1.60 8.11
CA GLY A 36 -6.80 -2.05 6.76
C GLY A 36 -7.81 -1.53 5.75
N LEU A 37 -9.10 -1.57 6.11
CA LEU A 37 -10.12 -0.99 5.26
C LEU A 37 -9.88 0.49 5.04
N LEU A 38 -9.40 1.20 6.06
CA LEU A 38 -9.11 2.62 5.91
C LEU A 38 -7.97 2.85 4.92
N PHE A 39 -6.90 2.07 5.04
CA PHE A 39 -5.81 2.14 4.07
C PHE A 39 -6.35 2.01 2.65
N GLY A 40 -7.03 0.89 2.38
CA GLY A 40 -7.50 0.63 1.03
C GLY A 40 -8.50 1.65 0.54
N TYR A 41 -9.38 2.12 1.44
CA TYR A 41 -10.44 3.04 1.05
C TYR A 41 -9.88 4.41 0.71
N ASP A 42 -8.98 4.94 1.55
CA ASP A 42 -8.39 6.23 1.26
C ASP A 42 -7.43 6.16 0.10
N LEU A 43 -6.92 4.98 -0.23
CA LEU A 43 -6.16 4.83 -1.46
C LEU A 43 -7.06 4.86 -2.68
N GLY A 44 -8.20 4.17 -2.61
CA GLY A 44 -9.04 4.00 -3.79
C GLY A 44 -10.13 5.03 -4.01
N ILE A 45 -10.36 5.95 -3.07
CA ILE A 45 -11.46 6.89 -3.22
C ILE A 45 -11.05 8.11 -4.06
N SER A 46 -9.78 8.49 -4.00
CA SER A 46 -9.34 9.77 -4.56
C SER A 46 -9.51 9.80 -6.08
N GLY A 47 -9.19 8.70 -6.75
CA GLY A 47 -9.25 8.69 -8.20
C GLY A 47 -10.67 8.82 -8.73
N GLY A 48 -11.59 8.05 -8.17
CA GLY A 48 -12.98 8.17 -8.55
C GLY A 48 -13.53 9.57 -8.29
N VAL A 49 -13.12 10.18 -7.18
CA VAL A 49 -13.64 11.52 -6.90
C VAL A 49 -13.04 12.55 -7.86
N THR A 50 -11.76 12.38 -8.22
CA THR A 50 -11.14 13.32 -9.15
C THR A 50 -11.82 13.30 -10.51
N SER A 51 -12.40 12.18 -10.89
CA SER A 51 -13.09 12.03 -12.17
C SER A 51 -14.48 12.66 -12.18
N MET A 52 -15.03 13.01 -11.01
CA MET A 52 -16.36 13.58 -10.95
C MET A 52 -16.33 15.04 -11.37
N GLU A 53 -17.25 15.44 -12.25
CA GLU A 53 -17.21 16.80 -12.77
C GLU A 53 -17.74 17.82 -11.76
N GLU A 54 -18.56 17.42 -10.80
CA GLU A 54 -18.92 18.32 -9.71
C GLU A 54 -17.68 18.73 -8.92
N PHE A 55 -16.85 17.75 -8.55
CA PHE A 55 -15.63 18.01 -7.80
C PHE A 55 -14.66 18.88 -8.59
N LEU A 56 -14.46 18.56 -9.86
CA LEU A 56 -13.57 19.35 -10.72
C LEU A 56 -14.09 20.78 -10.84
N THR A 57 -15.40 20.94 -11.03
CA THR A 57 -15.96 22.28 -11.11
C THR A 57 -15.72 23.07 -9.85
N LYS A 58 -15.85 22.43 -8.68
CA LYS A 58 -15.78 23.21 -7.44
C LYS A 58 -14.35 23.51 -7.02
N PHE A 59 -13.37 22.66 -7.34
CA PHE A 59 -12.01 22.94 -6.88
C PHE A 59 -11.02 23.25 -7.99
N PHE A 60 -11.17 22.68 -9.18
CA PHE A 60 -10.25 22.91 -10.29
C PHE A 60 -11.01 23.30 -11.55
N PRO A 61 -11.68 24.47 -11.54
CA PRO A 61 -12.47 24.86 -12.72
C PRO A 61 -11.64 24.99 -13.99
N GLN A 62 -10.39 25.44 -13.85
CA GLN A 62 -9.48 25.56 -14.99
C GLN A 62 -9.29 24.22 -15.68
N VAL A 63 -9.49 23.12 -14.97
CA VAL A 63 -9.34 21.80 -15.57
C VAL A 63 -10.59 21.40 -16.35
N GLU A 64 -11.78 21.49 -15.76
CA GLU A 64 -12.96 20.99 -16.48
C GLU A 64 -13.40 21.92 -17.60
N SER A 65 -12.94 23.19 -17.61
CA SER A 65 -13.13 23.98 -18.82
C SER A 65 -12.39 23.35 -19.99
N GLN A 66 -11.19 22.82 -19.75
CA GLN A 66 -10.35 22.24 -20.80
C GLN A 66 -10.71 20.80 -21.13
N MET A 67 -11.98 20.43 -21.13
CA MET A 67 -12.32 19.02 -21.34
C MET A 67 -13.48 18.77 -22.31
N LYS A 68 -14.50 19.63 -22.41
CA LYS A 68 -15.64 19.33 -23.26
C LYS A 68 -15.77 20.45 -24.28
N LYS A 69 -16.60 21.47 -24.05
CA LYS A 69 -16.81 22.47 -25.10
C LYS A 69 -15.49 23.09 -25.55
N ALA A 70 -14.72 23.62 -24.61
CA ALA A 70 -13.35 24.04 -24.88
C ALA A 70 -12.42 22.86 -24.71
N LYS A 71 -11.65 22.55 -25.78
CA LYS A 71 -10.65 21.47 -25.77
C LYS A 71 -11.34 20.11 -25.58
N HIS A 72 -12.06 19.68 -26.62
CA HIS A 72 -12.76 18.42 -26.47
C HIS A 72 -11.84 17.21 -26.61
N ASP A 73 -10.94 17.24 -27.59
CA ASP A 73 -10.05 16.12 -27.85
C ASP A 73 -8.59 16.60 -27.72
N THR A 74 -8.02 16.37 -26.55
CA THR A 74 -6.63 16.64 -26.19
C THR A 74 -6.32 15.66 -25.06
N ALA A 75 -6.38 14.37 -25.41
CA ALA A 75 -6.55 13.32 -24.41
C ALA A 75 -5.45 13.30 -23.36
N TYR A 76 -4.22 13.62 -23.74
CA TYR A 76 -3.08 13.29 -22.88
C TYR A 76 -2.90 14.27 -21.72
N CYS A 77 -3.59 15.42 -21.72
CA CYS A 77 -3.20 16.49 -20.80
C CYS A 77 -4.41 17.23 -20.24
N LYS A 78 -5.63 16.71 -20.42
CA LYS A 78 -6.81 17.38 -19.88
C LYS A 78 -6.67 17.67 -18.39
N PHE A 79 -6.09 16.72 -17.65
CA PHE A 79 -6.03 16.78 -16.21
C PHE A 79 -4.65 17.12 -15.67
N ASP A 80 -3.73 17.57 -16.51
CA ASP A 80 -2.39 17.92 -16.04
C ASP A 80 -2.43 19.22 -15.23
N ASN A 81 -2.66 19.10 -13.93
CA ASN A 81 -2.56 20.23 -13.01
C ASN A 81 -1.93 19.73 -11.71
N GLN A 82 -0.96 20.48 -11.21
CA GLN A 82 -0.18 20.03 -10.06
C GLN A 82 -1.01 20.02 -8.78
N MET A 83 -1.98 20.92 -8.65
CA MET A 83 -2.83 20.93 -7.46
C MET A 83 -3.79 19.74 -7.46
N LEU A 84 -4.39 19.44 -8.62
CA LEU A 84 -5.28 18.30 -8.74
C LEU A 84 -4.57 17.01 -8.35
N GLN A 85 -3.31 16.87 -8.75
CA GLN A 85 -2.53 15.68 -8.40
C GLN A 85 -2.02 15.75 -6.96
N LEU A 86 -1.81 16.95 -6.44
CA LEU A 86 -1.49 17.09 -5.02
C LEU A 86 -2.61 16.53 -4.16
N PHE A 87 -3.86 16.69 -4.61
CA PHE A 87 -4.98 16.07 -3.90
C PHE A 87 -4.75 14.60 -3.65
N THR A 88 -4.16 13.88 -4.62
CA THR A 88 -3.90 12.46 -4.46
C THR A 88 -2.59 12.21 -3.70
N SER A 89 -1.56 13.00 -3.98
CA SER A 89 -0.21 12.66 -3.51
C SER A 89 0.08 13.13 -2.09
N SER A 90 -0.61 14.18 -1.61
CA SER A 90 -0.31 14.74 -0.31
C SER A 90 -0.47 13.72 0.79
N LEU A 91 -1.44 12.80 0.65
CA LEU A 91 -1.61 11.71 1.60
C LEU A 91 -0.30 10.95 1.78
N TYR A 92 0.35 10.60 0.68
CA TYR A 92 1.53 9.74 0.77
C TYR A 92 2.77 10.52 1.20
N LEU A 93 2.86 11.79 0.81
CA LEU A 93 3.87 12.68 1.40
C LEU A 93 3.76 12.67 2.93
N ALA A 94 2.55 12.93 3.44
CA ALA A 94 2.35 12.99 4.88
C ALA A 94 2.59 11.64 5.54
N ALA A 95 2.21 10.56 4.87
CA ALA A 95 2.47 9.23 5.42
C ALA A 95 3.96 8.96 5.55
N LEU A 96 4.72 9.35 4.52
CA LEU A 96 6.18 9.24 4.56
C LEU A 96 6.76 9.90 5.80
N VAL A 97 6.32 11.13 6.11
CA VAL A 97 6.90 11.82 7.27
C VAL A 97 6.34 11.25 8.60
N ALA A 98 5.04 10.97 8.62
CA ALA A 98 4.40 10.50 9.84
C ALA A 98 4.88 9.12 10.24
N SER A 99 5.46 8.35 9.32
CA SER A 99 6.03 7.05 9.72
C SER A 99 7.22 7.22 10.65
N PHE A 100 8.09 8.20 10.37
CA PHE A 100 9.17 8.51 11.30
C PHE A 100 8.61 9.00 12.63
N MET A 101 7.63 9.91 12.56
CA MET A 101 7.02 10.39 13.81
C MET A 101 6.44 9.24 14.63
N ALA A 102 5.85 8.25 13.95
CA ALA A 102 5.26 7.11 14.64
C ALA A 102 6.34 6.20 15.22
N SER A 103 7.47 6.04 14.51
CA SER A 103 8.62 5.37 15.10
C SER A 103 8.93 5.95 16.47
N VAL A 104 9.09 7.28 16.50
CA VAL A 104 9.45 7.94 17.75
C VAL A 104 8.39 7.70 18.82
N ILE A 105 7.12 7.89 18.48
CA ILE A 105 6.07 7.84 19.49
C ILE A 105 5.84 6.40 19.97
N THR A 106 6.03 5.42 19.10
CA THR A 106 5.94 4.02 19.54
C THR A 106 7.07 3.69 20.51
N ARG A 107 8.27 4.21 20.26
CA ARG A 107 9.36 3.96 21.19
C ARG A 107 9.10 4.63 22.55
N LYS A 108 8.74 5.91 22.53
CA LYS A 108 8.68 6.67 23.78
C LYS A 108 7.44 6.33 24.60
N HIS A 109 6.28 6.20 23.97
CA HIS A 109 5.03 5.97 24.68
C HIS A 109 4.46 4.59 24.43
N GLY A 110 4.26 4.19 23.18
CA GLY A 110 3.78 2.86 22.91
C GLY A 110 3.13 2.75 21.56
N ARG A 111 3.16 1.53 21.03
CA ARG A 111 2.60 1.25 19.72
C ARG A 111 1.10 1.53 19.68
N LYS A 112 0.38 1.21 20.76
CA LYS A 112 -1.05 1.47 20.79
C LYS A 112 -1.36 2.96 20.75
N VAL A 113 -0.48 3.79 21.30
CA VAL A 113 -0.66 5.23 21.21
C VAL A 113 -0.57 5.68 19.76
N SER A 114 0.36 5.11 18.99
CA SER A 114 0.45 5.45 17.58
C SER A 114 -0.76 4.94 16.81
N MET A 115 -1.27 3.77 17.18
CA MET A 115 -2.54 3.29 16.63
C MET A 115 -3.65 4.31 16.86
N PHE A 116 -3.74 4.82 18.09
CA PHE A 116 -4.77 5.79 18.44
C PHE A 116 -4.62 7.08 17.65
N ILE A 117 -3.39 7.57 17.57
CA ILE A 117 -3.13 8.82 16.84
C ILE A 117 -3.48 8.64 15.36
N GLY A 118 -3.16 7.48 14.80
CA GLY A 118 -3.50 7.23 13.41
C GLY A 118 -4.99 7.19 13.17
N GLY A 119 -5.74 6.51 14.05
CA GLY A 119 -7.18 6.50 13.91
C GLY A 119 -7.79 7.89 14.05
N LEU A 120 -7.29 8.67 15.02
CA LEU A 120 -7.78 10.04 15.20
C LEU A 120 -7.48 10.89 13.97
N ALA A 121 -6.29 10.72 13.38
CA ALA A 121 -5.96 11.44 12.17
C ALA A 121 -6.88 11.04 11.02
N PHE A 122 -7.14 9.74 10.88
CA PHE A 122 -8.12 9.27 9.90
C PHE A 122 -9.44 9.99 10.06
N LEU A 123 -9.97 10.04 11.29
CA LEU A 123 -11.27 10.65 11.53
C LEU A 123 -11.26 12.13 11.18
N ILE A 124 -10.32 12.89 11.77
CA ILE A 124 -10.29 14.34 11.58
C ILE A 124 -10.08 14.67 10.10
N GLY A 125 -9.22 13.93 9.41
CA GLY A 125 -8.96 14.20 8.01
C GLY A 125 -10.12 13.83 7.12
N ALA A 126 -10.81 12.72 7.44
CA ALA A 126 -12.00 12.36 6.67
C ALA A 126 -13.06 13.44 6.79
N LEU A 127 -13.24 14.01 7.98
CA LEU A 127 -14.23 15.08 8.12
C LEU A 127 -13.75 16.35 7.42
N PHE A 128 -12.45 16.66 7.49
CA PHE A 128 -11.92 17.79 6.76
C PHE A 128 -12.16 17.65 5.26
N ASN A 129 -12.05 16.43 4.74
CA ASN A 129 -12.31 16.18 3.33
C ASN A 129 -13.79 16.33 3.01
N ALA A 130 -14.66 15.77 3.84
CA ALA A 130 -16.09 15.76 3.55
C ALA A 130 -16.67 17.18 3.58
N PHE A 131 -16.19 18.02 4.50
CA PHE A 131 -16.74 19.36 4.68
C PHE A 131 -15.93 20.43 3.95
N ALA A 132 -15.09 20.04 3.00
CA ALA A 132 -14.16 20.97 2.36
C ALA A 132 -14.92 22.00 1.54
N VAL A 133 -14.74 23.27 1.87
CA VAL A 133 -15.29 24.37 1.08
C VAL A 133 -14.22 25.10 0.27
N ASN A 134 -12.97 24.65 0.32
CA ASN A 134 -11.91 25.17 -0.53
C ASN A 134 -10.87 24.07 -0.69
N VAL A 135 -9.83 24.35 -1.50
CA VAL A 135 -8.87 23.30 -1.82
C VAL A 135 -7.84 23.12 -0.69
N SER A 136 -7.59 24.17 0.09
CA SER A 136 -6.65 24.02 1.19
C SER A 136 -7.21 23.08 2.26
N MET A 137 -8.52 23.20 2.56
CA MET A 137 -9.17 22.21 3.40
C MET A 137 -9.01 20.80 2.82
N LEU A 138 -9.15 20.69 1.50
CA LEU A 138 -9.10 19.39 0.84
C LEU A 138 -7.77 18.69 1.09
N ILE A 139 -6.66 19.37 0.80
CA ILE A 139 -5.40 18.66 1.00
C ILE A 139 -4.93 18.71 2.44
N ILE A 140 -5.51 19.55 3.31
CA ILE A 140 -5.30 19.38 4.75
C ILE A 140 -5.88 18.05 5.20
N GLY A 141 -7.11 17.77 4.76
CA GLY A 141 -7.72 16.48 5.06
C GLY A 141 -6.93 15.32 4.50
N ARG A 142 -6.40 15.47 3.28
CA ARG A 142 -5.58 14.40 2.70
C ARG A 142 -4.29 14.20 3.49
N LEU A 143 -3.63 15.28 3.90
CA LEU A 143 -2.43 15.17 4.73
C LEU A 143 -2.76 14.49 6.06
N LEU A 144 -3.96 14.75 6.60
CA LEU A 144 -4.33 14.11 7.86
C LEU A 144 -4.58 12.61 7.67
N LEU A 145 -5.24 12.23 6.57
CA LEU A 145 -5.37 10.81 6.26
C LEU A 145 -4.01 10.17 6.07
N GLY A 146 -3.04 10.92 5.53
CA GLY A 146 -1.69 10.41 5.39
C GLY A 146 -1.01 10.23 6.74
N VAL A 147 -1.22 11.17 7.67
CA VAL A 147 -0.74 11.00 9.04
C VAL A 147 -1.33 9.73 9.64
N GLY A 148 -2.62 9.49 9.37
CA GLY A 148 -3.24 8.27 9.83
C GLY A 148 -2.57 7.02 9.28
N VAL A 149 -2.29 7.02 7.98
CA VAL A 149 -1.62 5.87 7.37
C VAL A 149 -0.23 5.69 7.96
N GLY A 150 0.52 6.79 8.11
CA GLY A 150 1.87 6.70 8.63
C GLY A 150 1.91 6.16 10.05
N PHE A 151 0.94 6.54 10.88
CA PHE A 151 0.92 6.04 12.24
C PHE A 151 0.35 4.63 12.34
N ALA A 152 -0.57 4.25 11.44
CA ALA A 152 -1.28 2.99 11.57
C ALA A 152 -0.58 1.83 10.87
N ASN A 153 -0.02 2.05 9.66
CA ASN A 153 0.72 0.98 8.99
C ASN A 153 1.83 0.46 9.89
N GLN A 154 2.45 1.35 10.65
CA GLN A 154 3.44 0.96 11.64
C GLN A 154 2.81 0.07 12.71
N SER A 155 1.79 0.59 13.40
CA SER A 155 1.37 0.05 14.69
C SER A 155 0.40 -1.12 14.54
N THR A 156 -0.62 -0.97 13.71
CA THR A 156 -1.70 -1.93 13.64
C THR A 156 -1.25 -3.36 13.32
N PRO A 157 -0.42 -3.61 12.30
CA PRO A 157 -0.08 -5.01 11.99
C PRO A 157 0.68 -5.72 13.10
N VAL A 158 1.70 -5.09 13.69
CA VAL A 158 2.46 -5.81 14.70
C VAL A 158 1.70 -5.87 16.03
N TYR A 159 0.86 -4.88 16.34
CA TYR A 159 -0.05 -5.03 17.47
C TYR A 159 -0.96 -6.23 17.28
N LEU A 160 -1.57 -6.33 16.08
CA LEU A 160 -2.45 -7.46 15.79
C LEU A 160 -1.72 -8.78 15.90
N SER A 161 -0.49 -8.85 15.38
CA SER A 161 0.25 -10.12 15.41
C SER A 161 0.66 -10.49 16.83
N GLN A 162 1.08 -9.50 17.63
CA GLN A 162 1.38 -9.77 19.04
C GLN A 162 0.14 -10.28 19.77
N MET A 163 -1.02 -9.69 19.46
CA MET A 163 -2.23 -10.05 20.19
C MET A 163 -2.77 -11.41 19.76
N ALA A 164 -2.46 -11.85 18.55
CA ALA A 164 -3.06 -13.05 18.02
C ALA A 164 -2.41 -14.29 18.60
N PRO A 165 -3.18 -15.35 18.88
CA PRO A 165 -2.57 -16.63 19.24
C PRO A 165 -1.66 -17.12 18.13
N ALA A 166 -0.56 -17.77 18.52
CA ALA A 166 0.45 -18.17 17.55
C ALA A 166 -0.13 -19.03 16.43
N LYS A 167 -1.12 -19.86 16.75
CA LYS A 167 -1.66 -20.78 15.75
C LYS A 167 -2.33 -20.02 14.60
N ILE A 168 -3.28 -19.13 14.92
CA ILE A 168 -4.04 -18.44 13.88
C ILE A 168 -3.45 -17.07 13.58
N ARG A 169 -2.20 -16.84 14.02
CA ARG A 169 -1.59 -15.52 13.84
C ARG A 169 -1.45 -15.19 12.35
N GLY A 170 -0.93 -16.14 11.56
CA GLY A 170 -0.77 -15.89 10.14
C GLY A 170 -2.10 -15.66 9.45
N ALA A 171 -3.14 -16.38 9.86
CA ALA A 171 -4.48 -16.18 9.30
C ALA A 171 -4.95 -14.75 9.53
N LEU A 172 -4.79 -14.25 10.76
CA LEU A 172 -5.24 -12.90 11.07
C LEU A 172 -4.43 -11.84 10.33
N ASN A 173 -3.12 -12.08 10.14
CA ASN A 173 -2.35 -11.12 9.35
C ASN A 173 -2.81 -11.10 7.89
N ILE A 174 -3.07 -12.27 7.31
CA ILE A 174 -3.61 -12.33 5.95
C ILE A 174 -4.96 -11.60 5.90
N GLY A 175 -5.74 -11.70 6.99
CA GLY A 175 -7.00 -10.97 7.05
C GLY A 175 -6.80 -9.46 6.96
N PHE A 176 -5.84 -8.94 7.71
CA PHE A 176 -5.51 -7.51 7.60
C PHE A 176 -5.10 -7.16 6.16
N GLN A 177 -4.20 -7.97 5.61
CA GLN A 177 -3.68 -7.73 4.26
C GLN A 177 -4.82 -7.57 3.26
N MET A 178 -5.80 -8.46 3.30
CA MET A 178 -6.86 -8.38 2.30
C MET A 178 -7.95 -7.40 2.71
N ALA A 179 -8.04 -7.04 3.99
CA ALA A 179 -8.86 -5.89 4.38
C ALA A 179 -8.46 -4.68 3.55
N ILE A 180 -7.16 -4.53 3.30
CA ILE A 180 -6.69 -3.38 2.50
C ILE A 180 -7.27 -3.41 1.09
N THR A 181 -7.12 -4.52 0.37
CA THR A 181 -7.56 -4.55 -1.03
C THR A 181 -9.08 -4.51 -1.14
N ILE A 182 -9.79 -5.19 -0.24
CA ILE A 182 -11.24 -5.10 -0.25
C ILE A 182 -11.69 -3.67 0.08
N GLY A 183 -10.90 -2.95 0.87
CA GLY A 183 -11.18 -1.53 1.06
C GLY A 183 -11.05 -0.74 -0.23
N ILE A 184 -10.03 -1.06 -1.05
CA ILE A 184 -9.93 -0.43 -2.36
C ILE A 184 -11.21 -0.67 -3.16
N LEU A 185 -11.66 -1.93 -3.21
CA LEU A 185 -12.86 -2.24 -3.99
C LEU A 185 -14.08 -1.51 -3.42
N VAL A 186 -14.18 -1.42 -2.10
CA VAL A 186 -15.29 -0.72 -1.47
C VAL A 186 -15.30 0.75 -1.87
N ALA A 187 -14.12 1.37 -1.89
CA ALA A 187 -14.04 2.77 -2.31
C ALA A 187 -14.48 2.95 -3.76
N ASN A 188 -14.04 2.03 -4.64
CA ASN A 188 -14.48 2.08 -6.04
C ASN A 188 -16.00 2.02 -6.14
N LEU A 189 -16.61 1.09 -5.39
CA LEU A 189 -18.06 0.93 -5.44
C LEU A 189 -18.77 2.16 -4.90
N ILE A 190 -18.28 2.72 -3.80
CA ILE A 190 -18.87 3.93 -3.23
C ILE A 190 -18.82 5.06 -4.25
N ASN A 191 -17.71 5.16 -4.99
CA ASN A 191 -17.62 6.22 -5.99
C ASN A 191 -18.63 6.01 -7.11
N TYR A 192 -18.74 4.78 -7.61
CA TYR A 192 -19.75 4.49 -8.64
C TYR A 192 -21.14 4.87 -8.16
N GLY A 193 -21.46 4.57 -6.90
CA GLY A 193 -22.76 4.89 -6.36
C GLY A 193 -23.00 6.38 -6.20
N THR A 194 -22.13 7.04 -5.44
CA THR A 194 -22.32 8.46 -5.13
C THR A 194 -22.21 9.35 -6.36
N SER A 195 -21.61 8.87 -7.45
CA SER A 195 -21.52 9.71 -8.65
C SER A 195 -22.89 10.02 -9.24
N LYS A 196 -23.91 9.23 -8.93
CA LYS A 196 -25.25 9.48 -9.41
C LYS A 196 -26.08 10.33 -8.45
N MET A 197 -25.55 10.65 -7.27
CA MET A 197 -26.18 11.64 -6.42
C MET A 197 -26.20 12.99 -7.13
N ALA A 198 -27.31 13.71 -6.99
CA ALA A 198 -27.47 14.98 -7.71
C ALA A 198 -26.50 16.03 -7.20
N GLN A 199 -26.16 16.01 -5.91
CA GLN A 199 -25.22 16.97 -5.35
C GLN A 199 -24.47 16.35 -4.18
N HIS A 200 -23.19 16.69 -4.09
CA HIS A 200 -22.34 16.36 -2.94
C HIS A 200 -22.05 14.87 -2.81
N GLY A 201 -22.03 14.13 -3.93
CA GLY A 201 -21.68 12.72 -3.86
C GLY A 201 -20.22 12.50 -3.46
N TRP A 202 -19.33 13.34 -3.97
CA TRP A 202 -17.92 13.24 -3.58
C TRP A 202 -17.74 13.46 -2.09
N ARG A 203 -18.63 14.24 -1.47
CA ARG A 203 -18.58 14.42 -0.02
C ARG A 203 -18.85 13.12 0.70
N VAL A 204 -19.90 12.40 0.29
CA VAL A 204 -20.18 11.08 0.87
C VAL A 204 -18.99 10.15 0.64
N SER A 205 -18.43 10.18 -0.57
CA SER A 205 -17.29 9.33 -0.89
C SER A 205 -16.13 9.56 0.08
N LEU A 206 -15.65 10.80 0.15
CA LEU A 206 -14.51 11.10 1.02
C LEU A 206 -14.85 10.99 2.50
N GLY A 207 -16.12 11.13 2.87
CA GLY A 207 -16.47 11.20 4.27
C GLY A 207 -16.83 9.89 4.94
N LEU A 208 -17.28 8.90 4.16
CA LEU A 208 -17.59 7.60 4.75
C LEU A 208 -16.41 7.00 5.49
N ALA A 209 -15.19 7.42 5.18
CA ALA A 209 -14.00 6.96 5.90
C ALA A 209 -14.07 7.28 7.39
N ALA A 210 -14.94 8.21 7.80
CA ALA A 210 -15.00 8.62 9.19
C ALA A 210 -15.65 7.58 10.09
N VAL A 211 -16.41 6.64 9.55
CA VAL A 211 -17.12 5.64 10.35
C VAL A 211 -16.14 4.58 10.85
N PRO A 212 -15.42 3.86 9.98
CA PRO A 212 -14.42 2.92 10.50
C PRO A 212 -13.34 3.63 11.29
N ALA A 213 -13.10 4.91 10.98
CA ALA A 213 -12.08 5.67 11.70
C ALA A 213 -12.45 5.85 13.17
N VAL A 214 -13.73 6.11 13.47
CA VAL A 214 -14.09 6.29 14.87
C VAL A 214 -14.28 4.94 15.55
N VAL A 215 -14.69 3.89 14.83
CA VAL A 215 -14.61 2.56 15.44
C VAL A 215 -13.18 2.27 15.85
N MET A 216 -12.22 2.61 14.99
CA MET A 216 -10.81 2.39 15.29
C MET A 216 -10.36 3.26 16.45
N VAL A 217 -10.78 4.52 16.50
CA VAL A 217 -10.37 5.40 17.60
C VAL A 217 -10.82 4.82 18.94
N ILE A 218 -12.07 4.34 19.00
CA ILE A 218 -12.60 3.85 20.28
C ILE A 218 -11.93 2.54 20.69
N GLY A 219 -11.92 1.55 19.79
CA GLY A 219 -11.27 0.29 20.12
C GLY A 219 -9.80 0.46 20.41
N SER A 220 -9.12 1.28 19.62
CA SER A 220 -7.73 1.61 19.88
C SER A 220 -7.52 2.18 21.27
N PHE A 221 -8.46 2.99 21.76
CA PHE A 221 -8.28 3.54 23.09
C PHE A 221 -8.50 2.49 24.18
N ILE A 222 -9.53 1.64 24.02
CA ILE A 222 -9.85 0.74 25.14
C ILE A 222 -8.96 -0.49 25.21
N LEU A 223 -8.25 -0.84 24.14
CA LEU A 223 -7.43 -2.05 24.13
C LEU A 223 -6.20 -1.88 25.02
N PRO A 224 -5.61 -3.00 25.47
CA PRO A 224 -4.48 -2.91 26.40
C PRO A 224 -3.14 -2.84 25.69
N ASP A 225 -2.14 -2.37 26.45
CA ASP A 225 -0.75 -2.52 26.03
C ASP A 225 -0.41 -4.00 25.94
N THR A 226 0.29 -4.38 24.87
CA THR A 226 0.60 -5.78 24.66
C THR A 226 1.63 -6.27 25.68
N PRO A 227 1.59 -7.56 26.03
CA PRO A 227 2.63 -8.11 26.91
C PRO A 227 4.03 -7.87 26.40
N ASN A 228 4.24 -7.88 25.09
CA ASN A 228 5.56 -7.56 24.55
C ASN A 228 5.98 -6.15 24.94
N SER A 229 5.06 -5.18 24.87
CA SER A 229 5.40 -3.80 25.21
C SER A 229 5.78 -3.68 26.68
N MET A 230 4.99 -4.28 27.57
CA MET A 230 5.31 -4.25 28.99
C MET A 230 6.64 -4.93 29.27
N LEU A 231 6.96 -5.99 28.51
CA LEU A 231 8.26 -6.64 28.68
C LEU A 231 9.40 -5.73 28.27
N GLU A 232 9.23 -5.00 27.16
CA GLU A 232 10.30 -4.12 26.67
C GLU A 232 10.49 -2.91 27.56
N ARG A 233 9.48 -2.54 28.37
CA ARG A 233 9.68 -1.48 29.35
C ARG A 233 9.76 -2.01 30.78
N GLY A 234 10.13 -3.28 30.94
CA GLY A 234 10.56 -3.80 32.23
C GLY A 234 9.46 -4.31 33.13
N LYS A 235 8.20 -4.25 32.72
CA LYS A 235 7.09 -4.71 33.56
C LYS A 235 6.77 -6.17 33.23
N ASN A 236 7.66 -7.07 33.65
CA ASN A 236 7.42 -8.50 33.44
C ASN A 236 6.24 -8.99 34.28
N GLU A 237 6.12 -8.49 35.51
CA GLU A 237 5.04 -8.91 36.39
C GLU A 237 3.68 -8.58 35.78
N GLU A 238 3.50 -7.34 35.33
CA GLU A 238 2.28 -6.99 34.62
C GLU A 238 2.17 -7.72 33.29
N ALA A 239 3.30 -7.92 32.62
CA ALA A 239 3.29 -8.50 31.28
C ALA A 239 2.68 -9.89 31.27
N LYS A 240 3.08 -10.75 32.21
CA LYS A 240 2.60 -12.13 32.14
C LYS A 240 1.15 -12.24 32.62
N GLN A 241 0.74 -11.43 33.59
CA GLN A 241 -0.66 -11.39 33.96
C GLN A 241 -1.52 -10.98 32.79
N MET A 242 -1.10 -9.93 32.07
CA MET A 242 -1.86 -9.48 30.91
C MET A 242 -1.85 -10.53 29.80
N LEU A 243 -0.73 -11.24 29.64
CA LEU A 243 -0.69 -12.32 28.65
C LEU A 243 -1.67 -13.42 28.99
N LYS A 244 -1.73 -13.81 30.27
CA LYS A 244 -2.69 -14.83 30.70
C LYS A 244 -4.11 -14.37 30.45
N LYS A 245 -4.42 -13.10 30.75
CA LYS A 245 -5.77 -12.61 30.55
C LYS A 245 -6.12 -12.48 29.07
N ILE A 246 -5.12 -12.19 28.23
CA ILE A 246 -5.36 -12.04 26.79
C ILE A 246 -5.45 -13.38 26.10
N ARG A 247 -4.86 -14.44 26.66
CA ARG A 247 -4.91 -15.76 26.06
C ARG A 247 -6.02 -16.64 26.62
N GLY A 248 -6.46 -16.41 27.85
CA GLY A 248 -7.43 -17.29 28.47
C GLY A 248 -6.88 -18.63 28.90
N ALA A 249 -5.57 -18.82 28.82
CA ALA A 249 -4.90 -20.01 29.32
C ALA A 249 -4.37 -19.73 30.72
N ASP A 250 -4.37 -20.76 31.57
CA ASP A 250 -4.03 -20.55 32.96
C ASP A 250 -2.53 -20.56 33.23
N ASN A 251 -1.70 -21.03 32.29
CA ASN A 251 -0.28 -20.73 32.34
C ASN A 251 0.21 -20.47 30.92
N VAL A 252 1.06 -19.44 30.77
CA VAL A 252 1.48 -18.99 29.44
C VAL A 252 2.99 -19.05 29.34
N ASP A 253 3.60 -19.99 30.06
CA ASP A 253 5.05 -19.97 30.26
C ASP A 253 5.81 -20.12 28.95
N HIS A 254 5.40 -21.09 28.12
CA HIS A 254 6.08 -21.33 26.85
C HIS A 254 6.10 -20.07 25.98
N GLU A 255 4.94 -19.42 25.84
CA GLU A 255 4.92 -18.18 25.06
C GLU A 255 5.63 -17.05 25.78
N PHE A 256 5.50 -16.98 27.11
CA PHE A 256 6.01 -15.83 27.84
C PHE A 256 7.53 -15.74 27.77
N GLN A 257 8.25 -16.85 27.99
CA GLN A 257 9.71 -16.77 27.96
C GLN A 257 10.28 -16.78 26.54
N ASP A 258 9.50 -17.19 25.53
CA ASP A 258 9.90 -16.89 24.15
C ASP A 258 9.82 -15.40 23.88
N LEU A 259 8.82 -14.75 24.47
CA LEU A 259 8.73 -13.31 24.36
C LEU A 259 9.89 -12.62 25.07
N ILE A 260 10.27 -13.10 26.24
CA ILE A 260 11.39 -12.45 26.94
C ILE A 260 12.71 -12.75 26.21
N ASP A 261 12.85 -13.93 25.60
CA ASP A 261 14.00 -14.19 24.75
C ASP A 261 14.06 -13.19 23.59
N ALA A 262 12.92 -12.98 22.93
CA ALA A 262 12.88 -12.07 21.79
C ALA A 262 13.21 -10.64 22.21
N VAL A 263 12.72 -10.21 23.37
CA VAL A 263 12.97 -8.82 23.77
C VAL A 263 14.38 -8.64 24.32
N GLU A 264 14.95 -9.66 24.95
CA GLU A 264 16.35 -9.59 25.33
C GLU A 264 17.24 -9.54 24.09
N ALA A 265 16.92 -10.33 23.07
CA ALA A 265 17.70 -10.31 21.84
C ALA A 265 17.59 -8.94 21.15
N ALA A 266 16.36 -8.44 21.00
CA ALA A 266 16.16 -7.13 20.39
C ALA A 266 16.87 -6.03 21.16
N LYS A 267 16.99 -6.19 22.48
CA LYS A 267 17.58 -5.13 23.30
C LYS A 267 19.09 -5.03 23.10
N LYS A 268 19.76 -6.14 22.82
CA LYS A 268 21.22 -6.12 22.80
C LYS A 268 21.82 -5.76 21.44
N VAL A 269 21.00 -5.52 20.43
CA VAL A 269 21.52 -4.93 19.20
C VAL A 269 21.69 -3.44 19.42
N GLU A 270 22.86 -2.91 19.07
CA GLU A 270 23.16 -1.52 19.40
C GLU A 270 22.47 -0.56 18.42
N ASN A 271 22.90 -0.53 17.16
CA ASN A 271 22.13 0.25 16.20
C ASN A 271 22.12 -0.42 14.83
N PRO A 272 20.92 -0.72 14.30
CA PRO A 272 20.84 -1.38 12.99
C PRO A 272 21.30 -0.53 11.82
N TRP A 273 21.42 0.79 11.97
CA TRP A 273 21.78 1.63 10.83
C TRP A 273 23.29 1.55 10.55
N LYS A 274 24.09 1.31 11.58
CA LYS A 274 25.51 1.11 11.32
C LYS A 274 25.79 -0.31 10.87
N ASN A 275 24.95 -1.26 11.28
CA ASN A 275 25.12 -2.64 10.82
C ASN A 275 24.61 -2.81 9.40
N ILE A 276 23.52 -2.11 9.06
CA ILE A 276 22.90 -2.23 7.74
C ILE A 276 23.89 -1.95 6.61
N MET A 277 24.90 -1.10 6.82
CA MET A 277 25.80 -0.73 5.75
C MET A 277 27.19 -1.33 5.93
N GLU A 278 27.33 -2.29 6.83
CA GLU A 278 28.46 -3.20 6.75
C GLU A 278 28.19 -4.22 5.64
N SER A 279 29.26 -4.70 5.01
CA SER A 279 29.11 -5.38 3.72
C SER A 279 28.38 -6.72 3.85
N LYS A 280 28.49 -7.40 5.00
CA LYS A 280 27.79 -8.67 5.19
C LYS A 280 26.31 -8.54 4.85
N TYR A 281 25.74 -7.36 5.05
CA TYR A 281 24.31 -7.13 4.87
C TYR A 281 24.00 -6.31 3.64
N ARG A 282 24.98 -5.98 2.81
CA ARG A 282 24.64 -5.01 1.78
C ARG A 282 23.84 -5.58 0.61
N PRO A 283 23.79 -6.92 0.37
CA PRO A 283 22.75 -7.41 -0.55
C PRO A 283 21.37 -6.97 -0.08
N ALA A 284 21.03 -7.35 1.15
CA ALA A 284 19.75 -6.98 1.75
C ALA A 284 19.49 -5.49 1.62
N LEU A 285 20.47 -4.66 2.02
CA LEU A 285 20.30 -3.21 1.92
C LEU A 285 19.99 -2.80 0.49
N ILE A 286 20.76 -3.32 -0.48
CA ILE A 286 20.45 -3.05 -1.89
C ILE A 286 19.00 -3.38 -2.16
N PHE A 287 18.59 -4.59 -1.77
CA PHE A 287 17.22 -5.02 -2.06
C PHE A 287 16.21 -4.31 -1.20
N CYS A 288 16.60 -3.76 -0.04
CA CYS A 288 15.64 -2.97 0.71
C CYS A 288 15.47 -1.58 0.10
N SER A 289 16.29 -1.21 -0.87
CA SER A 289 16.15 0.04 -1.60
C SER A 289 15.65 -0.16 -3.03
N ALA A 290 16.05 -1.25 -3.69
CA ALA A 290 15.66 -1.46 -5.08
C ALA A 290 14.23 -1.99 -5.19
N ILE A 291 13.85 -2.94 -4.32
CA ILE A 291 12.51 -3.53 -4.40
C ILE A 291 11.41 -2.47 -4.29
N PRO A 292 11.43 -1.56 -3.32
CA PRO A 292 10.36 -0.54 -3.28
C PRO A 292 10.32 0.35 -4.51
N PHE A 293 11.45 0.96 -4.88
CA PHE A 293 11.52 1.77 -6.09
C PHE A 293 10.89 1.04 -7.27
N PHE A 294 11.41 -0.14 -7.58
CA PHE A 294 10.85 -0.95 -8.67
C PHE A 294 9.34 -1.11 -8.51
N GLN A 295 8.88 -1.47 -7.32
CA GLN A 295 7.45 -1.71 -7.12
C GLN A 295 6.63 -0.50 -7.51
N GLN A 296 7.15 0.71 -7.26
CA GLN A 296 6.40 1.90 -7.62
C GLN A 296 6.65 2.35 -9.05
N ILE A 297 7.79 1.97 -9.64
CA ILE A 297 8.05 2.32 -11.02
C ILE A 297 7.49 1.29 -11.99
N THR A 298 6.84 0.25 -11.47
CA THR A 298 5.98 -0.59 -12.30
C THR A 298 4.85 0.23 -12.93
N GLY A 299 4.36 1.24 -12.21
CA GLY A 299 3.20 1.99 -12.64
C GLY A 299 1.89 1.50 -12.10
N ILE A 300 1.89 0.71 -11.02
CA ILE A 300 0.65 0.14 -10.51
C ILE A 300 -0.25 1.22 -9.95
N ASN A 301 0.32 2.23 -9.30
CA ASN A 301 -0.50 3.27 -8.74
C ASN A 301 -1.00 4.26 -9.78
N VAL A 302 -0.47 4.22 -11.01
CA VAL A 302 -1.19 4.83 -12.13
C VAL A 302 -2.62 4.31 -12.14
N ILE A 303 -2.77 2.98 -12.21
CA ILE A 303 -4.11 2.39 -12.18
C ILE A 303 -4.81 2.75 -10.87
N MET A 304 -4.19 2.41 -9.73
CA MET A 304 -4.87 2.54 -8.45
C MET A 304 -5.34 3.97 -8.18
N PHE A 305 -4.49 4.97 -8.41
CA PHE A 305 -4.84 6.35 -8.14
C PHE A 305 -5.71 6.95 -9.24
N TYR A 306 -5.48 6.60 -10.51
CA TYR A 306 -5.95 7.44 -11.61
C TYR A 306 -6.64 6.66 -12.71
N ALA A 307 -7.15 5.46 -12.44
CA ALA A 307 -7.87 4.73 -13.48
C ALA A 307 -9.10 5.49 -13.96
N PRO A 308 -9.96 6.04 -13.10
CA PRO A 308 -11.13 6.77 -13.63
C PRO A 308 -10.75 7.96 -14.49
N VAL A 309 -9.75 8.74 -14.10
CA VAL A 309 -9.39 9.91 -14.88
C VAL A 309 -8.64 9.51 -16.15
N LEU A 310 -7.91 8.39 -16.13
CA LEU A 310 -7.30 7.89 -17.36
C LEU A 310 -8.37 7.48 -18.36
N PHE A 311 -9.38 6.73 -17.90
CA PHE A 311 -10.48 6.36 -18.78
C PHE A 311 -11.26 7.59 -19.24
N LYS A 312 -11.32 8.63 -18.39
CA LYS A 312 -12.03 9.84 -18.76
C LYS A 312 -11.29 10.64 -19.82
N THR A 313 -9.96 10.66 -19.78
CA THR A 313 -9.20 11.34 -20.83
C THR A 313 -9.33 10.64 -22.17
N LEU A 314 -9.44 9.31 -22.15
CA LEU A 314 -9.55 8.55 -23.38
C LEU A 314 -10.98 8.50 -23.92
N GLY A 315 -11.94 9.08 -23.21
CA GLY A 315 -13.29 9.21 -23.74
C GLY A 315 -14.25 8.12 -23.33
N PHE A 316 -14.12 7.58 -22.11
CA PHE A 316 -15.03 6.54 -21.66
C PHE A 316 -16.41 7.11 -21.33
N GLY A 317 -16.44 8.28 -20.69
CA GLY A 317 -17.65 8.77 -20.08
C GLY A 317 -17.63 8.47 -18.58
N ASP A 318 -18.17 9.38 -17.77
CA ASP A 318 -18.03 9.29 -16.32
C ASP A 318 -18.47 7.92 -15.80
N ASP A 319 -19.67 7.49 -16.19
CA ASP A 319 -20.23 6.24 -15.67
C ASP A 319 -19.33 5.04 -16.02
N ALA A 320 -18.95 4.93 -17.29
CA ALA A 320 -18.13 3.80 -17.72
C ALA A 320 -16.74 3.85 -17.10
N ALA A 321 -16.18 5.05 -16.91
CA ALA A 321 -14.89 5.17 -16.25
C ALA A 321 -14.95 4.63 -14.82
N LEU A 322 -15.99 5.02 -14.07
CA LEU A 322 -16.10 4.55 -12.70
C LEU A 322 -16.35 3.04 -12.64
N MET A 323 -17.16 2.51 -13.57
CA MET A 323 -17.39 1.07 -13.59
C MET A 323 -16.10 0.31 -13.92
N SER A 324 -15.28 0.86 -14.81
CA SER A 324 -14.03 0.21 -15.16
C SER A 324 -13.06 0.23 -13.97
N ALA A 325 -13.05 1.33 -13.21
CA ALA A 325 -12.29 1.33 -11.96
C ALA A 325 -12.80 0.25 -11.02
N VAL A 326 -14.12 0.05 -10.97
CA VAL A 326 -14.67 -1.00 -10.11
C VAL A 326 -14.15 -2.38 -10.53
N ILE A 327 -14.03 -2.62 -11.84
CA ILE A 327 -13.56 -3.94 -12.30
C ILE A 327 -12.07 -4.11 -12.00
N THR A 328 -11.29 -3.04 -12.13
CA THR A 328 -9.90 -3.13 -11.70
C THR A 328 -9.83 -3.50 -10.22
N GLY A 329 -10.74 -2.94 -9.42
CA GLY A 329 -10.78 -3.30 -8.01
C GLY A 329 -11.13 -4.76 -7.79
N VAL A 330 -12.15 -5.26 -8.51
CA VAL A 330 -12.56 -6.65 -8.39
C VAL A 330 -11.41 -7.58 -8.76
N VAL A 331 -10.70 -7.26 -9.85
CA VAL A 331 -9.60 -8.10 -10.30
C VAL A 331 -8.45 -8.06 -9.31
N ASN A 332 -8.13 -6.87 -8.80
CA ASN A 332 -7.08 -6.76 -7.79
C ASN A 332 -7.42 -7.59 -6.56
N MET A 333 -8.69 -7.58 -6.14
CA MET A 333 -9.08 -8.35 -4.97
C MET A 333 -8.97 -9.85 -5.22
N LEU A 334 -9.52 -10.33 -6.34
CA LEU A 334 -9.47 -11.76 -6.64
C LEU A 334 -8.03 -12.23 -6.81
N SER A 335 -7.20 -11.43 -7.47
CA SER A 335 -5.81 -11.83 -7.69
C SER A 335 -5.00 -11.73 -6.41
N THR A 336 -5.33 -10.81 -5.50
CA THR A 336 -4.69 -10.81 -4.20
C THR A 336 -5.12 -12.02 -3.39
N PHE A 337 -6.36 -12.49 -3.59
CA PHE A 337 -6.79 -13.76 -2.99
C PHE A 337 -5.93 -14.90 -3.50
N VAL A 338 -5.76 -15.02 -4.82
CA VAL A 338 -4.95 -16.13 -5.32
C VAL A 338 -3.48 -15.95 -4.97
N SER A 339 -3.05 -14.73 -4.66
CA SER A 339 -1.63 -14.51 -4.35
C SER A 339 -1.19 -15.21 -3.08
N ILE A 340 -2.12 -15.48 -2.16
CA ILE A 340 -1.79 -16.29 -0.98
C ILE A 340 -1.29 -17.68 -1.42
N TYR A 341 -2.16 -18.41 -2.12
CA TYR A 341 -1.81 -19.71 -2.67
C TYR A 341 -0.59 -19.62 -3.57
N ALA A 342 -0.42 -18.50 -4.27
CA ALA A 342 0.68 -18.38 -5.22
C ALA A 342 2.02 -18.22 -4.50
N VAL A 343 2.09 -17.36 -3.49
CA VAL A 343 3.35 -17.15 -2.79
C VAL A 343 3.69 -18.31 -1.88
N ASN A 344 2.74 -19.18 -1.55
CA ASN A 344 3.17 -20.35 -0.79
C ASN A 344 3.30 -21.62 -1.63
N ARG A 345 2.81 -21.66 -2.86
CA ARG A 345 3.11 -22.82 -3.69
C ARG A 345 4.37 -22.63 -4.54
N TYR A 346 4.52 -21.46 -5.15
CA TYR A 346 5.67 -21.20 -6.01
C TYR A 346 6.70 -20.33 -5.30
N GLY A 347 7.90 -20.28 -5.89
CA GLY A 347 8.97 -19.50 -5.31
C GLY A 347 8.93 -18.05 -5.74
N ARG A 348 9.71 -17.23 -5.02
CA ARG A 348 9.70 -15.79 -5.27
C ARG A 348 10.21 -15.46 -6.67
N ARG A 349 11.25 -16.17 -7.12
CA ARG A 349 11.81 -15.90 -8.44
C ARG A 349 10.80 -16.22 -9.55
N LEU A 350 10.09 -17.34 -9.42
CA LEU A 350 9.10 -17.72 -10.43
C LEU A 350 8.05 -16.62 -10.60
N LEU A 351 7.49 -16.15 -9.49
CA LEU A 351 6.41 -15.19 -9.59
C LEU A 351 6.90 -13.81 -9.96
N PHE A 352 8.08 -13.41 -9.49
CA PHE A 352 8.69 -12.19 -10.00
C PHE A 352 8.79 -12.23 -11.52
N LEU A 353 9.32 -13.33 -12.06
CA LEU A 353 9.51 -13.45 -13.51
C LEU A 353 8.18 -13.46 -14.25
N GLU A 354 7.24 -14.31 -13.80
CA GLU A 354 5.95 -14.44 -14.48
C GLU A 354 5.19 -13.13 -14.46
N GLY A 355 5.01 -12.55 -13.27
CA GLY A 355 4.31 -11.28 -13.17
C GLY A 355 4.99 -10.18 -13.95
N GLY A 356 6.33 -10.19 -13.99
CA GLY A 356 7.03 -9.18 -14.76
C GLY A 356 6.70 -9.27 -16.24
N ILE A 357 6.79 -10.47 -16.81
CA ILE A 357 6.52 -10.57 -18.25
C ILE A 357 5.04 -10.33 -18.54
N GLN A 358 4.15 -10.74 -17.64
CA GLN A 358 2.73 -10.44 -17.82
C GLN A 358 2.49 -8.93 -17.87
N MET A 359 2.98 -8.21 -16.85
CA MET A 359 2.85 -6.76 -16.84
C MET A 359 3.50 -6.13 -18.06
N PHE A 360 4.63 -6.68 -18.50
CA PHE A 360 5.36 -6.13 -19.64
C PHE A 360 4.52 -6.19 -20.91
N ILE A 361 4.03 -7.39 -21.23
CA ILE A 361 3.19 -7.57 -22.40
C ILE A 361 1.98 -6.63 -22.33
N CYS A 362 1.34 -6.55 -21.15
CA CYS A 362 0.14 -5.73 -21.04
C CYS A 362 0.45 -4.24 -21.22
N GLN A 363 1.56 -3.77 -20.65
CA GLN A 363 1.91 -2.36 -20.79
C GLN A 363 2.19 -2.01 -22.26
N LEU A 364 2.96 -2.86 -22.95
CA LEU A 364 3.19 -2.63 -24.37
C LEU A 364 1.87 -2.55 -25.13
N LEU A 365 0.97 -3.50 -24.88
CA LEU A 365 -0.28 -3.56 -25.63
C LEU A 365 -1.15 -2.34 -25.37
N VAL A 366 -1.28 -1.95 -24.10
CA VAL A 366 -2.11 -0.82 -23.73
C VAL A 366 -1.56 0.46 -24.36
N GLY A 367 -0.24 0.68 -24.21
CA GLY A 367 0.37 1.85 -24.78
C GLY A 367 0.16 1.96 -26.27
N SER A 368 0.20 0.83 -26.98
CA SER A 368 0.07 0.89 -28.43
C SER A 368 -1.37 1.02 -28.88
N PHE A 369 -2.33 0.44 -28.16
CA PHE A 369 -3.73 0.73 -28.47
C PHE A 369 -3.99 2.23 -28.35
N ILE A 370 -3.53 2.82 -27.23
CA ILE A 370 -3.76 4.24 -27.01
C ILE A 370 -3.04 5.07 -28.06
N GLY A 371 -1.83 4.66 -28.44
CA GLY A 371 -1.10 5.41 -29.45
C GLY A 371 -1.73 5.33 -30.82
N ALA A 372 -2.26 4.16 -31.18
CA ALA A 372 -2.91 4.02 -32.47
C ALA A 372 -4.25 4.72 -32.53
N ARG A 373 -4.87 4.99 -31.37
CA ARG A 373 -6.12 5.74 -31.42
C ARG A 373 -5.92 7.26 -31.30
N PHE A 374 -4.97 7.72 -30.50
CA PHE A 374 -4.77 9.14 -30.28
C PHE A 374 -3.45 9.69 -30.77
N GLY A 375 -2.51 8.83 -31.17
CA GLY A 375 -1.24 9.31 -31.70
C GLY A 375 -0.44 10.04 -30.65
N THR A 376 0.31 11.03 -31.10
CA THR A 376 1.11 11.89 -30.23
C THR A 376 0.45 13.24 -29.96
N SER A 377 -0.67 13.53 -30.60
CA SER A 377 -1.33 14.82 -30.47
C SER A 377 -2.57 14.78 -29.58
N GLY A 378 -3.01 13.60 -29.16
CA GLY A 378 -4.14 13.51 -28.25
C GLY A 378 -5.49 13.69 -28.90
N THR A 379 -5.56 13.76 -30.23
CA THR A 379 -6.83 13.88 -30.94
C THR A 379 -7.21 12.52 -31.51
N GLY A 380 -8.52 12.24 -31.49
CA GLY A 380 -9.00 10.95 -31.96
C GLY A 380 -10.08 10.34 -31.11
N THR A 381 -10.54 9.16 -31.50
CA THR A 381 -11.68 8.49 -30.91
C THR A 381 -11.25 7.11 -30.44
N LEU A 382 -11.78 6.67 -29.29
CA LEU A 382 -11.70 5.26 -28.96
C LEU A 382 -12.82 4.50 -29.66
N THR A 383 -12.64 3.19 -29.77
CA THR A 383 -13.69 2.35 -30.32
C THR A 383 -14.16 1.39 -29.25
N PRO A 384 -15.36 0.82 -29.39
CA PRO A 384 -15.82 -0.16 -28.37
C PRO A 384 -14.81 -1.27 -28.14
N ALA A 385 -14.25 -1.83 -29.22
CA ALA A 385 -13.29 -2.91 -29.09
C ALA A 385 -12.01 -2.44 -28.41
N THR A 386 -11.50 -1.26 -28.78
CA THR A 386 -10.25 -0.80 -28.19
C THR A 386 -10.44 -0.40 -26.72
N ALA A 387 -11.58 0.19 -26.39
CA ALA A 387 -11.88 0.47 -24.98
C ALA A 387 -11.92 -0.83 -24.17
N ASP A 388 -12.61 -1.84 -24.72
CA ASP A 388 -12.69 -3.13 -24.04
C ASP A 388 -11.31 -3.74 -23.87
N TRP A 389 -10.47 -3.71 -24.91
CA TRP A 389 -9.15 -4.30 -24.82
C TRP A 389 -8.26 -3.55 -23.84
N ILE A 390 -8.31 -2.21 -23.87
CA ILE A 390 -7.51 -1.42 -22.95
C ILE A 390 -7.87 -1.77 -21.51
N LEU A 391 -9.17 -1.83 -21.21
CA LEU A 391 -9.58 -2.21 -19.85
C LEU A 391 -9.13 -3.64 -19.51
N ALA A 392 -9.33 -4.58 -20.44
CA ALA A 392 -9.01 -5.98 -20.18
C ALA A 392 -7.54 -6.17 -19.87
N PHE A 393 -6.67 -5.47 -20.60
CA PHE A 393 -5.25 -5.64 -20.38
C PHE A 393 -4.74 -4.81 -19.22
N ILE A 394 -5.39 -3.70 -18.88
CA ILE A 394 -5.14 -3.06 -17.58
C ILE A 394 -5.38 -4.06 -16.45
N CYS A 395 -6.46 -4.84 -16.56
CA CYS A 395 -6.81 -5.76 -15.48
C CYS A 395 -5.89 -6.97 -15.44
N VAL A 396 -5.52 -7.52 -16.61
CA VAL A 396 -4.51 -8.58 -16.64
C VAL A 396 -3.21 -8.06 -16.05
N TYR A 397 -2.89 -6.78 -16.28
CA TYR A 397 -1.69 -6.17 -15.74
C TYR A 397 -1.73 -6.12 -14.21
N VAL A 398 -2.83 -5.62 -13.64
CA VAL A 398 -2.87 -5.53 -12.18
C VAL A 398 -2.98 -6.91 -11.56
N ALA A 399 -3.52 -7.89 -12.28
CA ALA A 399 -3.51 -9.26 -11.78
C ALA A 399 -2.09 -9.80 -11.72
N GLY A 400 -1.29 -9.55 -12.78
CA GLY A 400 0.10 -9.94 -12.74
C GLY A 400 0.87 -9.26 -11.62
N PHE A 401 0.58 -7.98 -11.38
CA PHE A 401 1.22 -7.28 -10.27
C PHE A 401 0.79 -7.86 -8.92
N ALA A 402 -0.48 -8.26 -8.83
CA ALA A 402 -1.07 -8.60 -7.53
C ALA A 402 -0.53 -9.91 -6.97
N TRP A 403 0.08 -10.77 -7.78
CA TRP A 403 0.71 -11.98 -7.27
C TRP A 403 2.20 -12.00 -7.59
N SER A 404 2.80 -10.83 -7.77
CA SER A 404 4.25 -10.73 -7.91
C SER A 404 4.78 -9.53 -7.14
N TRP A 405 4.97 -8.40 -7.83
CA TRP A 405 5.63 -7.26 -7.22
C TRP A 405 4.82 -6.66 -6.07
N GLY A 406 3.51 -6.88 -6.05
CA GLY A 406 2.68 -6.41 -4.96
C GLY A 406 3.06 -7.02 -3.63
N PRO A 407 2.73 -8.30 -3.45
CA PRO A 407 3.06 -8.95 -2.17
C PRO A 407 4.54 -9.17 -1.94
N LEU A 408 5.29 -9.53 -2.99
CA LEU A 408 6.72 -9.81 -2.80
C LEU A 408 7.49 -8.54 -2.48
N GLY A 409 7.02 -7.39 -2.96
CA GLY A 409 7.63 -6.10 -2.70
C GLY A 409 7.66 -5.69 -1.25
N TRP A 410 6.87 -6.36 -0.40
CA TRP A 410 7.00 -6.25 1.04
C TRP A 410 7.52 -7.52 1.68
N LEU A 411 7.29 -8.67 1.04
CA LEU A 411 7.61 -9.94 1.66
C LEU A 411 9.11 -10.19 1.67
N VAL A 412 9.78 -10.00 0.54
CA VAL A 412 11.18 -10.42 0.48
C VAL A 412 12.14 -9.43 1.16
N PRO A 413 11.85 -8.11 1.25
CA PRO A 413 12.74 -7.28 2.08
C PRO A 413 12.74 -7.68 3.55
N SER A 414 11.56 -7.98 4.11
CA SER A 414 11.51 -8.50 5.46
C SER A 414 12.17 -9.87 5.58
N GLU A 415 12.06 -10.69 4.53
CA GLU A 415 12.53 -12.07 4.58
C GLU A 415 14.05 -12.13 4.69
N ILE A 416 14.75 -11.23 3.99
CA ILE A 416 16.20 -11.31 3.88
C ILE A 416 16.87 -10.44 4.94
N CYS A 417 16.10 -10.01 5.94
CA CYS A 417 16.63 -9.05 6.91
C CYS A 417 16.72 -9.68 8.30
N PRO A 418 17.88 -10.12 8.75
CA PRO A 418 18.04 -10.54 10.15
C PRO A 418 17.63 -9.45 11.14
N LEU A 419 17.40 -9.87 12.39
CA LEU A 419 16.88 -8.95 13.39
C LEU A 419 17.88 -7.85 13.73
N GLU A 420 19.18 -8.10 13.54
CA GLU A 420 20.17 -7.07 13.76
C GLU A 420 20.07 -5.94 12.74
N ILE A 421 19.34 -6.16 11.65
CA ILE A 421 19.22 -5.16 10.60
C ILE A 421 17.77 -4.82 10.26
N ARG A 422 16.80 -5.53 10.83
CA ARG A 422 15.42 -5.42 10.35
C ARG A 422 14.80 -4.04 10.57
N PRO A 423 15.02 -3.34 11.69
CA PRO A 423 14.43 -1.99 11.80
C PRO A 423 14.89 -1.06 10.70
N ALA A 424 16.20 -1.03 10.42
CA ALA A 424 16.72 -0.18 9.35
C ALA A 424 16.16 -0.62 8.00
N GLY A 425 16.15 -1.93 7.76
CA GLY A 425 15.64 -2.45 6.50
C GLY A 425 14.22 -2.03 6.23
N GLN A 426 13.33 -2.21 7.22
CA GLN A 426 11.94 -1.84 6.98
C GLN A 426 11.74 -0.34 6.96
N ALA A 427 12.53 0.43 7.73
CA ALA A 427 12.46 1.89 7.64
C ALA A 427 12.71 2.35 6.21
N ILE A 428 13.82 1.91 5.61
CA ILE A 428 14.15 2.37 4.26
C ILE A 428 13.17 1.78 3.24
N ASN A 429 12.80 0.51 3.41
CA ASN A 429 11.75 -0.10 2.60
C ASN A 429 10.54 0.82 2.49
N VAL A 430 9.90 1.08 3.64
CA VAL A 430 8.65 1.85 3.61
C VAL A 430 8.88 3.29 3.14
N SER A 431 10.04 3.89 3.46
CA SER A 431 10.20 5.31 3.15
C SER A 431 10.45 5.54 1.66
N VAL A 432 11.29 4.74 1.01
CA VAL A 432 11.44 5.01 -0.42
C VAL A 432 10.24 4.47 -1.18
N ASN A 433 9.57 3.42 -0.66
CA ASN A 433 8.30 3.03 -1.27
C ASN A 433 7.29 4.17 -1.22
N MET A 434 7.20 4.85 -0.08
CA MET A 434 6.26 5.97 0.06
C MET A 434 6.68 7.15 -0.79
N PHE A 435 7.99 7.42 -0.88
CA PHE A 435 8.47 8.54 -1.69
C PHE A 435 8.13 8.35 -3.16
N PHE A 436 8.31 7.13 -3.67
CA PHE A 436 8.01 6.92 -5.08
C PHE A 436 6.51 6.76 -5.33
N THR A 437 5.76 6.26 -4.34
CA THR A 437 4.30 6.36 -4.40
C THR A 437 3.87 7.82 -4.55
N PHE A 438 4.47 8.70 -3.75
CA PHE A 438 4.16 10.11 -3.82
C PHE A 438 4.50 10.67 -5.20
N LEU A 439 5.65 10.29 -5.74
CA LEU A 439 6.04 10.79 -7.06
C LEU A 439 5.05 10.36 -8.14
N ILE A 440 4.62 9.10 -8.10
CA ILE A 440 3.60 8.63 -9.05
C ILE A 440 2.34 9.47 -8.91
N GLY A 441 1.84 9.61 -7.68
CA GLY A 441 0.60 10.35 -7.47
C GLY A 441 0.71 11.81 -7.89
N GLN A 442 1.88 12.41 -7.70
CA GLN A 442 2.07 13.83 -7.99
C GLN A 442 2.35 14.08 -9.47
N PHE A 443 2.82 13.09 -10.23
CA PHE A 443 3.27 13.38 -11.57
C PHE A 443 2.75 12.45 -12.67
N PHE A 444 1.77 11.57 -12.40
CA PHE A 444 1.29 10.70 -13.47
C PHE A 444 0.72 11.51 -14.64
N LEU A 445 -0.15 12.48 -14.35
CA LEU A 445 -0.86 13.16 -15.44
C LEU A 445 0.09 14.05 -16.24
N THR A 446 1.04 14.71 -15.57
CA THR A 446 2.00 15.52 -16.32
C THR A 446 2.99 14.65 -17.09
N MET A 447 3.37 13.49 -16.55
CA MET A 447 4.18 12.56 -17.33
C MET A 447 3.40 12.05 -18.53
N LEU A 448 2.09 11.82 -18.37
CA LEU A 448 1.28 11.33 -19.49
C LEU A 448 1.14 12.37 -20.58
N CYS A 449 1.16 13.65 -20.18
CA CYS A 449 1.14 14.75 -21.15
C CYS A 449 2.46 14.85 -21.89
N HIS A 450 3.58 14.78 -21.17
CA HIS A 450 4.87 15.03 -21.81
C HIS A 450 5.34 13.82 -22.60
N MET A 451 5.01 12.60 -22.15
CA MET A 451 5.42 11.38 -22.82
C MET A 451 4.35 10.78 -23.70
N LYS A 452 3.11 11.25 -23.61
CA LYS A 452 1.98 10.79 -24.44
C LYS A 452 1.79 9.30 -24.15
N PHE A 453 1.44 8.49 -25.17
CA PHE A 453 1.28 7.06 -24.94
C PHE A 453 2.60 6.36 -24.67
N GLY A 454 3.74 7.02 -24.92
CA GLY A 454 5.03 6.43 -24.63
C GLY A 454 5.30 6.21 -23.16
N LEU A 455 4.45 6.74 -22.28
CA LEU A 455 4.64 6.49 -20.84
C LEU A 455 4.37 5.02 -20.51
N PHE A 456 3.42 4.39 -21.19
CA PHE A 456 3.23 2.96 -21.00
C PHE A 456 4.45 2.17 -21.48
N TYR A 457 5.12 2.64 -22.54
CA TYR A 457 6.37 2.00 -22.96
C TYR A 457 7.48 2.22 -21.94
N PHE A 458 7.51 3.40 -21.32
CA PHE A 458 8.50 3.66 -20.27
C PHE A 458 8.31 2.70 -19.11
N PHE A 459 7.06 2.56 -18.64
CA PHE A 459 6.77 1.61 -17.57
C PHE A 459 7.09 0.18 -18.00
N ALA A 460 6.83 -0.15 -19.26
CA ALA A 460 7.12 -1.50 -19.75
C ALA A 460 8.63 -1.79 -19.73
N SER A 461 9.44 -0.83 -20.18
CA SER A 461 10.87 -1.06 -20.22
C SER A 461 11.45 -1.09 -18.81
N MET A 462 10.89 -0.30 -17.88
CA MET A 462 11.37 -0.41 -16.50
C MET A 462 10.97 -1.72 -15.86
N VAL A 463 9.84 -2.31 -16.25
CA VAL A 463 9.51 -3.64 -15.72
C VAL A 463 10.42 -4.70 -16.31
N ALA A 464 10.77 -4.55 -17.59
CA ALA A 464 11.81 -5.41 -18.16
C ALA A 464 13.12 -5.29 -17.37
N ILE A 465 13.49 -4.06 -17.01
CA ILE A 465 14.72 -3.82 -16.27
C ILE A 465 14.65 -4.50 -14.89
N MET A 466 13.54 -4.33 -14.19
CA MET A 466 13.43 -4.91 -12.85
C MET A 466 13.38 -6.43 -12.90
N THR A 467 12.80 -7.01 -13.95
CA THR A 467 12.77 -8.46 -14.04
C THR A 467 14.15 -9.02 -14.38
N VAL A 468 14.90 -8.33 -15.23
CA VAL A 468 16.30 -8.70 -15.45
C VAL A 468 17.08 -8.62 -14.14
N PHE A 469 16.84 -7.55 -13.37
CA PHE A 469 17.50 -7.36 -12.08
C PHE A 469 17.21 -8.53 -11.14
N ILE A 470 15.95 -8.93 -11.05
CA ILE A 470 15.60 -10.06 -10.19
C ILE A 470 16.23 -11.35 -10.71
N TYR A 471 16.15 -11.58 -12.03
CA TYR A 471 16.63 -12.84 -12.58
C TYR A 471 18.11 -13.03 -12.32
N PHE A 472 18.88 -11.95 -12.34
CA PHE A 472 20.32 -12.12 -12.18
C PHE A 472 20.81 -11.88 -10.75
N LEU A 473 20.09 -11.13 -9.91
CA LEU A 473 20.66 -10.68 -8.65
C LEU A 473 19.99 -11.22 -7.39
N LEU A 474 18.72 -11.61 -7.43
CA LEU A 474 18.08 -12.10 -6.20
C LEU A 474 17.94 -13.61 -6.23
N PRO A 475 18.53 -14.31 -5.27
CA PRO A 475 18.39 -15.77 -5.19
C PRO A 475 17.13 -16.18 -4.45
N GLU A 476 16.79 -17.46 -4.58
CA GLU A 476 15.58 -17.98 -3.96
C GLU A 476 15.67 -17.89 -2.45
N THR A 477 14.65 -17.27 -1.83
CA THR A 477 14.61 -17.10 -0.39
C THR A 477 13.43 -17.80 0.26
N LYS A 478 12.54 -18.40 -0.54
CA LYS A 478 11.40 -19.12 0.02
C LYS A 478 11.86 -20.35 0.78
N GLY A 479 11.31 -20.53 1.98
CA GLY A 479 11.57 -21.74 2.75
C GLY A 479 12.93 -21.83 3.38
N VAL A 480 13.78 -20.81 3.25
CA VAL A 480 15.09 -20.84 3.90
C VAL A 480 15.01 -19.97 5.15
N PRO A 481 15.63 -20.39 6.25
CA PRO A 481 15.54 -19.62 7.50
C PRO A 481 16.44 -18.40 7.48
N ILE A 482 16.13 -17.47 8.39
CA ILE A 482 16.89 -16.22 8.47
C ILE A 482 18.35 -16.52 8.76
N GLU A 483 18.61 -17.34 9.79
CA GLU A 483 19.97 -17.64 10.21
C GLU A 483 20.83 -18.26 9.11
N GLU A 484 20.24 -18.65 7.99
CA GLU A 484 20.99 -19.26 6.90
C GLU A 484 21.04 -18.40 5.65
N MET A 485 20.40 -17.23 5.65
CA MET A 485 20.41 -16.45 4.41
C MET A 485 21.83 -16.10 3.99
N GLY A 486 22.72 -15.87 4.96
CA GLY A 486 24.13 -15.70 4.68
C GLY A 486 24.66 -16.68 3.67
N ARG A 487 24.42 -17.98 3.89
CA ARG A 487 24.97 -18.95 2.94
C ARG A 487 24.36 -18.76 1.56
N VAL A 488 23.03 -18.63 1.46
CA VAL A 488 22.42 -18.46 0.14
C VAL A 488 22.93 -17.18 -0.51
N TRP A 489 23.52 -16.28 0.26
CA TRP A 489 24.02 -15.04 -0.34
C TRP A 489 25.39 -15.20 -0.97
N LYS A 490 26.26 -16.08 -0.45
CA LYS A 490 27.56 -16.23 -1.11
C LYS A 490 27.64 -17.46 -2.00
N GLN A 491 26.59 -18.32 -2.00
CA GLN A 491 26.43 -19.22 -3.13
C GLN A 491 26.16 -18.43 -4.42
N HIS A 492 25.73 -17.18 -4.29
CA HIS A 492 25.41 -16.36 -5.44
C HIS A 492 26.68 -15.84 -6.11
N TRP A 493 26.67 -15.83 -7.44
CA TRP A 493 27.85 -15.47 -8.22
C TRP A 493 28.29 -14.03 -7.98
N PHE A 494 27.34 -13.12 -7.73
CA PHE A 494 27.65 -11.71 -7.58
C PHE A 494 27.77 -11.30 -6.11
N TRP A 495 26.82 -11.68 -5.27
CA TRP A 495 26.87 -11.23 -3.88
C TRP A 495 27.97 -11.91 -3.08
N LYS A 496 28.59 -12.96 -3.63
CA LYS A 496 29.74 -13.60 -3.00
C LYS A 496 30.82 -12.59 -2.62
N LYS A 497 30.88 -11.48 -3.36
CA LYS A 497 31.83 -10.39 -3.16
C LYS A 497 31.73 -9.75 -1.79
N TYR A 498 30.66 -10.01 -1.03
CA TYR A 498 30.35 -9.20 0.13
C TYR A 498 30.33 -9.96 1.45
N ILE A 499 30.44 -11.27 1.45
CA ILE A 499 30.36 -12.05 2.68
C ILE A 499 31.75 -12.63 2.95
N PRO A 500 32.40 -12.24 4.05
CA PRO A 500 33.72 -12.73 4.43
C PRO A 500 33.64 -13.93 5.38
#